data_4UHY
#
_entry.id   4UHY
#
_cell.length_a   83.855
_cell.length_b   83.855
_cell.length_c   114.843
_cell.angle_alpha   90.00
_cell.angle_beta   90.00
_cell.angle_gamma   120.00
#
_symmetry.space_group_name_H-M   'P 32 2 1'
#
loop_
_entity.id
_entity.type
_entity.pdbx_description
1 polymer 'BONE MORPHOGENETIC PROTEIN 2'
2 polymer 'REPULSIVE GUIDANCE MOLECULE A'
#
loop_
_entity_poly.entity_id
_entity_poly.type
_entity_poly.pdbx_seq_one_letter_code
_entity_poly.pdbx_strand_id
1 'polypeptide(L)'
;QAKHKQRKRLKSSCKRHPLYVDFSDVGWNDWIVAPPGYHAFYCHGECPFPLADHLNSTNHAIVQTLVNSVNSKIPKACCV
PTELSAISMLYLDENEKVVLKNYQDMVVEGCGCR
;
A,B
2 'polypeptide(L)'
;ETGSPCKILKCNSEFWSATSGSHAPASDDTPEFCAALRSYALCTRRTARTCRGDLAYHSAVHGIEDLMSQHNCSKDGPTS
QPRLRTLPPAGDSQERSGTKHHHHHH
;
C
#
# COMPACT_ATOMS: atom_id res chain seq x y z
N LYS A 11 13.52 -19.21 -5.31
CA LYS A 11 13.09 -17.81 -5.40
C LYS A 11 13.55 -17.02 -4.14
N SER A 12 14.20 -15.84 -4.37
CA SER A 12 14.75 -14.90 -3.39
C SER A 12 13.73 -14.50 -2.29
N SER A 13 14.19 -14.38 -1.03
CA SER A 13 13.40 -14.03 0.15
C SER A 13 13.19 -12.50 0.30
N CYS A 14 12.24 -12.10 1.20
CA CYS A 14 11.90 -10.70 1.50
C CYS A 14 13.08 -9.93 2.10
N LYS A 15 13.58 -8.95 1.34
CA LYS A 15 14.67 -8.06 1.75
C LYS A 15 14.57 -6.74 1.01
N ARG A 16 15.28 -5.72 1.51
CA ARG A 16 15.31 -4.40 0.88
C ARG A 16 16.23 -4.42 -0.33
N HIS A 17 15.88 -3.65 -1.34
CA HIS A 17 16.67 -3.54 -2.56
C HIS A 17 16.92 -2.08 -2.82
N PRO A 18 17.98 -1.73 -3.57
CA PRO A 18 18.24 -0.32 -3.82
C PRO A 18 17.30 0.20 -4.88
N LEU A 19 17.06 1.52 -4.80
CA LEU A 19 16.24 2.27 -5.75
C LEU A 19 16.51 3.72 -5.56
N TYR A 20 17.07 4.36 -6.60
CA TYR A 20 17.30 5.80 -6.56
C TYR A 20 16.24 6.38 -7.41
N VAL A 21 15.49 7.33 -6.85
CA VAL A 21 14.44 7.95 -7.62
C VAL A 21 14.98 9.26 -8.17
N ASP A 22 15.04 9.40 -9.50
CA ASP A 22 15.44 10.67 -10.14
C ASP A 22 14.12 11.39 -10.42
N PHE A 23 13.94 12.57 -9.81
CA PHE A 23 12.67 13.27 -9.97
C PHE A 23 12.43 13.66 -11.43
N SER A 24 13.49 13.99 -12.21
CA SER A 24 13.33 14.31 -13.64
C SER A 24 12.77 13.12 -14.43
N ASP A 25 13.19 11.89 -14.09
CA ASP A 25 12.73 10.67 -14.75
C ASP A 25 11.25 10.37 -14.49
N VAL A 26 10.69 10.82 -13.34
CA VAL A 26 9.26 10.61 -13.01
C VAL A 26 8.42 11.88 -13.27
N GLY A 27 9.07 12.94 -13.74
CA GLY A 27 8.41 14.21 -14.02
C GLY A 27 8.24 15.14 -12.83
N TRP A 28 8.52 14.68 -11.61
CA TRP A 28 8.38 15.51 -10.41
C TRP A 28 9.39 16.66 -10.31
N ASN A 29 10.23 16.83 -11.35
CA ASN A 29 11.19 17.93 -11.42
C ASN A 29 10.46 19.21 -11.74
N ASP A 30 9.19 19.09 -12.15
CA ASP A 30 8.30 20.20 -12.48
C ASP A 30 7.84 20.93 -11.19
N TRP A 31 8.06 20.32 -10.01
CA TRP A 31 7.66 20.94 -8.76
C TRP A 31 8.73 20.86 -7.64
N ILE A 32 9.66 19.86 -7.69
CA ILE A 32 10.69 19.72 -6.67
C ILE A 32 11.99 20.44 -7.10
N VAL A 33 12.33 21.50 -6.36
CA VAL A 33 13.52 22.34 -6.56
C VAL A 33 14.77 21.56 -6.10
N ALA A 34 14.69 20.96 -4.92
CA ALA A 34 15.75 20.19 -4.33
C ALA A 34 15.15 19.07 -3.49
N PRO A 35 15.74 17.86 -3.47
CA PRO A 35 16.92 17.39 -4.19
C PRO A 35 16.58 16.93 -5.63
N PRO A 36 17.59 16.62 -6.48
CA PRO A 36 17.28 16.19 -7.86
C PRO A 36 16.68 14.78 -7.94
N GLY A 37 16.89 14.02 -6.88
CA GLY A 37 16.38 12.68 -6.68
C GLY A 37 16.71 12.25 -5.27
N TYR A 38 16.52 10.97 -4.94
CA TYR A 38 16.83 10.48 -3.60
C TYR A 38 16.77 8.96 -3.58
N HIS A 39 17.40 8.34 -2.58
CA HIS A 39 17.41 6.89 -2.44
C HIS A 39 16.23 6.47 -1.63
N ALA A 40 15.20 5.94 -2.32
CA ALA A 40 13.95 5.51 -1.70
C ALA A 40 14.03 4.09 -1.20
N PHE A 41 14.63 3.19 -1.99
CA PHE A 41 14.73 1.73 -1.78
C PHE A 41 13.40 1.12 -2.08
N TYR A 42 13.30 -0.21 -2.00
CA TYR A 42 12.04 -0.90 -2.16
C TYR A 42 12.14 -2.29 -1.55
N CYS A 43 10.99 -2.90 -1.23
CA CYS A 43 10.99 -4.25 -0.68
C CYS A 43 10.55 -5.23 -1.70
N HIS A 44 11.24 -6.37 -1.74
CA HIS A 44 10.92 -7.47 -2.62
C HIS A 44 11.40 -8.81 -2.08
N GLY A 45 10.73 -9.87 -2.49
CA GLY A 45 11.05 -11.21 -2.07
C GLY A 45 9.87 -11.96 -1.49
N GLU A 46 10.03 -13.27 -1.42
CA GLU A 46 9.06 -14.23 -0.95
C GLU A 46 8.97 -14.20 0.58
N CYS A 47 7.80 -14.57 1.10
CA CYS A 47 7.48 -14.67 2.52
C CYS A 47 7.17 -16.14 2.84
N PRO A 48 8.19 -17.00 3.09
CA PRO A 48 7.92 -18.45 3.28
C PRO A 48 7.85 -18.97 4.72
N PHE A 49 7.62 -20.30 4.91
CA PHE A 49 7.61 -20.86 6.26
C PHE A 49 9.05 -21.17 6.73
N PRO A 50 9.48 -20.74 7.94
CA PRO A 50 8.78 -19.88 8.92
C PRO A 50 9.05 -18.39 8.67
N LEU A 51 8.24 -17.50 9.29
CA LEU A 51 8.39 -16.04 9.12
C LEU A 51 8.97 -15.32 10.36
N ALA A 52 8.82 -15.92 11.58
CA ALA A 52 9.26 -15.39 12.88
C ALA A 52 10.73 -14.87 12.93
N ASP A 53 11.63 -15.37 12.01
CA ASP A 53 13.04 -14.95 11.85
C ASP A 53 13.14 -13.44 11.46
N HIS A 54 11.97 -12.88 11.07
CA HIS A 54 11.69 -11.48 10.80
C HIS A 54 11.03 -10.90 12.05
N LEU A 55 11.72 -9.95 12.75
CA LEU A 55 11.17 -9.24 13.93
C LEU A 55 9.80 -8.61 13.54
N ASN A 56 9.74 -8.12 12.28
CA ASN A 56 8.61 -7.53 11.62
C ASN A 56 8.00 -8.60 10.71
N SER A 57 6.88 -9.16 11.19
CA SER A 57 5.97 -10.15 10.60
C SER A 57 4.81 -10.28 11.57
N THR A 58 3.66 -9.67 11.23
CA THR A 58 2.44 -9.65 12.07
C THR A 58 1.81 -10.99 12.22
N ASN A 59 1.07 -11.19 13.29
CA ASN A 59 0.40 -12.48 13.51
C ASN A 59 -0.40 -12.91 12.28
N HIS A 60 -1.11 -11.95 11.63
CA HIS A 60 -1.88 -12.23 10.43
C HIS A 60 -0.98 -12.76 9.32
N ALA A 61 0.18 -12.08 9.08
CA ALA A 61 1.20 -12.45 8.08
C ALA A 61 1.65 -13.90 8.30
N ILE A 62 1.71 -14.35 9.58
CA ILE A 62 2.08 -15.72 9.97
C ILE A 62 0.92 -16.65 9.60
N VAL A 63 -0.31 -16.30 10.03
CA VAL A 63 -1.52 -17.09 9.81
C VAL A 63 -1.77 -17.27 8.29
N GLN A 64 -1.72 -16.15 7.51
CA GLN A 64 -1.95 -16.15 6.05
C GLN A 64 -0.96 -17.07 5.36
N THR A 65 0.34 -16.98 5.75
CA THR A 65 1.43 -17.79 5.19
C THR A 65 1.18 -19.28 5.58
N LEU A 66 0.83 -19.54 6.85
CA LEU A 66 0.54 -20.91 7.27
C LEU A 66 -0.64 -21.45 6.46
N VAL A 67 -1.75 -20.70 6.35
CA VAL A 67 -2.95 -21.06 5.58
C VAL A 67 -2.56 -21.34 4.15
N ASN A 68 -1.66 -20.51 3.57
CA ASN A 68 -1.21 -20.66 2.20
C ASN A 68 -0.55 -22.03 1.98
N SER A 69 0.23 -22.52 2.97
CA SER A 69 0.92 -23.82 2.90
C SER A 69 -0.07 -25.04 2.87
N VAL A 70 -1.34 -24.83 3.19
CA VAL A 70 -2.40 -25.82 3.26
C VAL A 70 -3.33 -25.59 2.07
N ASN A 71 -3.61 -24.31 1.72
CA ASN A 71 -4.44 -23.94 0.58
C ASN A 71 -3.69 -22.90 -0.26
N SER A 72 -3.14 -23.35 -1.38
CA SER A 72 -2.35 -22.55 -2.34
C SER A 72 -3.07 -21.32 -2.90
N LYS A 73 -4.43 -21.35 -2.92
CA LYS A 73 -5.30 -20.30 -3.47
C LYS A 73 -5.28 -19.03 -2.59
N ILE A 74 -4.91 -19.17 -1.30
CA ILE A 74 -4.74 -18.03 -0.39
C ILE A 74 -3.31 -17.55 -0.53
N PRO A 75 -3.08 -16.31 -1.02
CA PRO A 75 -1.71 -15.83 -1.27
C PRO A 75 -0.85 -15.71 -0.03
N LYS A 76 0.48 -15.81 -0.18
CA LYS A 76 1.45 -15.64 0.91
C LYS A 76 1.40 -14.19 1.45
N ALA A 77 1.97 -13.96 2.66
CA ALA A 77 2.11 -12.62 3.23
C ALA A 77 2.89 -11.79 2.22
N CYS A 78 2.87 -10.46 2.31
CA CYS A 78 3.59 -9.73 1.27
C CYS A 78 4.81 -9.01 1.81
N CYS A 79 5.90 -8.96 1.02
CA CYS A 79 7.14 -8.25 1.41
C CYS A 79 6.99 -6.77 1.18
N VAL A 80 6.83 -5.99 2.28
CA VAL A 80 6.60 -4.53 2.25
C VAL A 80 7.46 -3.79 3.29
N PRO A 81 7.74 -2.46 3.10
CA PRO A 81 8.46 -1.70 4.13
C PRO A 81 7.72 -1.66 5.46
N THR A 82 8.46 -1.90 6.54
CA THR A 82 7.94 -1.94 7.90
C THR A 82 8.61 -0.87 8.76
N GLU A 83 9.59 -0.15 8.18
CA GLU A 83 10.36 0.92 8.81
C GLU A 83 10.68 1.95 7.76
N LEU A 84 10.25 3.20 7.97
CA LEU A 84 10.48 4.21 6.95
C LEU A 84 11.02 5.48 7.54
N SER A 85 11.83 6.20 6.76
CA SER A 85 12.35 7.47 7.21
C SER A 85 11.81 8.57 6.31
N ALA A 86 11.85 9.82 6.80
CA ALA A 86 11.37 11.04 6.14
C ALA A 86 12.50 11.76 5.37
N ILE A 87 12.16 12.66 4.43
CA ILE A 87 13.15 13.47 3.71
C ILE A 87 12.65 14.92 3.61
N SER A 88 13.60 15.88 3.56
CA SER A 88 13.30 17.30 3.35
C SER A 88 13.31 17.58 1.87
N MET A 89 12.34 18.35 1.37
CA MET A 89 12.28 18.69 -0.06
C MET A 89 11.99 20.18 -0.27
N LEU A 90 12.45 20.74 -1.38
CA LEU A 90 12.24 22.14 -1.69
C LEU A 90 11.33 22.29 -2.85
N TYR A 91 10.33 23.15 -2.70
CA TYR A 91 9.36 23.47 -3.74
C TYR A 91 9.14 24.98 -3.77
N LEU A 92 8.40 25.44 -4.78
CA LEU A 92 8.14 26.86 -4.91
C LEU A 92 6.72 27.22 -4.46
N ASP A 93 6.67 28.37 -3.77
CA ASP A 93 5.54 29.10 -3.21
C ASP A 93 5.02 30.10 -4.25
N GLU A 94 3.84 30.67 -3.97
CA GLU A 94 3.28 31.76 -4.76
C GLU A 94 4.30 32.94 -4.71
N ASN A 95 4.59 33.53 -5.88
CA ASN A 95 5.58 34.59 -6.07
C ASN A 95 6.98 33.97 -5.93
N GLU A 96 7.11 32.70 -6.39
CA GLU A 96 8.31 31.87 -6.52
C GLU A 96 9.30 31.92 -5.32
N LYS A 97 8.76 31.84 -4.09
CA LYS A 97 9.58 31.77 -2.87
C LYS A 97 9.88 30.29 -2.57
N VAL A 98 11.06 29.98 -2.03
CA VAL A 98 11.42 28.59 -1.69
C VAL A 98 10.69 28.15 -0.42
N VAL A 99 10.14 26.92 -0.41
CA VAL A 99 9.49 26.37 0.78
C VAL A 99 10.13 25.02 1.11
N LEU A 100 10.49 24.78 2.38
CA LEU A 100 11.04 23.50 2.80
C LEU A 100 9.96 22.66 3.47
N LYS A 101 9.74 21.42 3.01
CA LYS A 101 8.75 20.53 3.60
C LYS A 101 9.37 19.17 3.86
N ASN A 102 9.09 18.60 5.05
CA ASN A 102 9.52 17.24 5.39
C ASN A 102 8.45 16.29 4.92
N TYR A 103 8.82 15.33 4.09
CA TYR A 103 7.86 14.33 3.60
C TYR A 103 8.14 13.03 4.33
N GLN A 104 7.14 12.48 5.01
CA GLN A 104 7.31 11.26 5.82
C GLN A 104 7.22 10.02 4.94
N ASP A 105 7.56 8.84 5.52
CA ASP A 105 7.53 7.53 4.86
C ASP A 105 8.08 7.60 3.41
N MET A 106 9.26 8.21 3.24
CA MET A 106 9.88 8.36 1.93
C MET A 106 10.94 7.31 1.68
N VAL A 107 11.61 6.85 2.74
CA VAL A 107 12.72 5.92 2.59
C VAL A 107 12.47 4.64 3.35
N VAL A 108 12.65 3.51 2.67
CA VAL A 108 12.55 2.21 3.32
C VAL A 108 13.85 2.01 4.11
N GLU A 109 13.68 1.82 5.42
CA GLU A 109 14.76 1.52 6.37
C GLU A 109 14.77 0.01 6.60
N GLY A 110 13.62 -0.63 6.43
CA GLY A 110 13.47 -2.07 6.62
C GLY A 110 12.21 -2.66 6.04
N CYS A 111 12.27 -3.95 5.68
CA CYS A 111 11.16 -4.69 5.12
C CYS A 111 10.66 -5.75 6.10
N GLY A 112 9.53 -6.36 5.77
CA GLY A 112 8.92 -7.37 6.60
C GLY A 112 7.72 -7.89 5.88
N CYS A 113 7.19 -9.04 6.35
CA CYS A 113 6.04 -9.69 5.72
C CYS A 113 4.77 -9.24 6.37
N ARG A 114 3.74 -8.91 5.55
CA ARG A 114 2.53 -8.35 6.10
C ARG A 114 1.21 -8.88 5.51
N LEU B 10 -9.11 -4.40 -15.99
CA LEU B 10 -9.04 -5.83 -16.25
C LEU B 10 -8.78 -6.60 -14.91
N LYS B 11 -7.59 -6.37 -14.26
CA LYS B 11 -7.18 -7.05 -13.02
C LYS B 11 -7.64 -6.28 -11.78
N SER B 12 -8.36 -6.99 -10.88
CA SER B 12 -8.98 -6.53 -9.62
C SER B 12 -8.05 -5.70 -8.74
N SER B 13 -8.61 -4.61 -8.13
CA SER B 13 -7.95 -3.62 -7.26
C SER B 13 -7.76 -4.13 -5.82
N CYS B 14 -6.92 -3.42 -5.04
CA CYS B 14 -6.62 -3.74 -3.65
C CYS B 14 -7.87 -3.61 -2.75
N LYS B 15 -8.33 -4.74 -2.21
CA LYS B 15 -9.46 -4.79 -1.29
C LYS B 15 -9.34 -6.01 -0.40
N ARG B 16 -10.10 -6.02 0.73
CA ARG B 16 -10.12 -7.15 1.66
C ARG B 16 -10.96 -8.30 1.07
N HIS B 17 -10.55 -9.51 1.37
CA HIS B 17 -11.24 -10.70 0.92
C HIS B 17 -11.53 -11.56 2.11
N PRO B 18 -12.56 -12.44 2.06
CA PRO B 18 -12.82 -13.29 3.22
C PRO B 18 -11.83 -14.41 3.31
N LEU B 19 -11.63 -14.88 4.54
CA LEU B 19 -10.78 -16.01 4.85
C LEU B 19 -11.12 -16.47 6.25
N TYR B 20 -11.63 -17.69 6.36
CA TYR B 20 -11.88 -18.29 7.66
C TYR B 20 -10.76 -19.26 7.88
N VAL B 21 -10.08 -19.14 9.02
CA VAL B 21 -9.01 -20.05 9.32
C VAL B 21 -9.55 -21.12 10.26
N ASP B 22 -9.53 -22.41 9.82
CA ASP B 22 -9.92 -23.54 10.67
C ASP B 22 -8.64 -24.03 11.32
N PHE B 23 -8.54 -23.95 12.67
CA PHE B 23 -7.30 -24.33 13.33
C PHE B 23 -6.97 -25.83 13.12
N SER B 24 -7.99 -26.72 13.03
CA SER B 24 -7.73 -28.13 12.76
C SER B 24 -7.08 -28.35 11.40
N ASP B 25 -7.49 -27.55 10.38
CA ASP B 25 -6.94 -27.63 9.03
C ASP B 25 -5.45 -27.21 8.96
N VAL B 26 -4.98 -26.34 9.87
CA VAL B 26 -3.59 -25.87 9.90
C VAL B 26 -2.77 -26.59 11.01
N GLY B 27 -3.44 -27.47 11.74
CA GLY B 27 -2.81 -28.21 12.83
C GLY B 27 -2.74 -27.50 14.16
N TRP B 28 -3.11 -26.21 14.23
CA TRP B 28 -3.07 -25.46 15.48
C TRP B 28 -4.13 -25.88 16.51
N ASN B 29 -4.90 -26.93 16.19
CA ASN B 29 -5.89 -27.49 17.11
C ASN B 29 -5.18 -28.28 18.20
N ASP B 30 -3.87 -28.55 17.99
CA ASP B 30 -2.99 -29.25 18.93
C ASP B 30 -2.65 -28.36 20.14
N TRP B 31 -2.94 -27.04 20.05
CA TRP B 31 -2.63 -26.13 21.15
C TRP B 31 -3.77 -25.13 21.48
N ILE B 32 -4.67 -24.82 20.48
CA ILE B 32 -5.78 -23.88 20.70
C ILE B 32 -7.06 -24.66 21.11
N VAL B 33 -7.50 -24.44 22.37
CA VAL B 33 -8.70 -25.04 22.96
C VAL B 33 -9.97 -24.38 22.33
N ALA B 34 -9.95 -23.06 22.27
CA ALA B 34 -11.04 -22.26 21.74
C ALA B 34 -10.45 -21.01 21.10
N PRO B 35 -10.96 -20.52 19.96
CA PRO B 35 -12.08 -21.02 19.17
C PRO B 35 -11.64 -22.11 18.18
N PRO B 36 -12.58 -22.79 17.47
CA PRO B 36 -12.18 -23.84 16.52
C PRO B 36 -11.50 -23.31 15.26
N GLY B 37 -11.75 -22.04 15.00
CA GLY B 37 -11.18 -21.28 13.90
C GLY B 37 -11.56 -19.83 14.08
N TYR B 38 -11.32 -18.98 13.07
CA TYR B 38 -11.72 -17.58 13.16
C TYR B 38 -11.62 -16.92 11.79
N HIS B 39 -12.31 -15.77 11.62
CA HIS B 39 -12.30 -15.03 10.35
C HIS B 39 -11.16 -14.06 10.39
N ALA B 40 -10.06 -14.41 9.67
CA ALA B 40 -8.84 -13.62 9.61
C ALA B 40 -8.90 -12.57 8.53
N PHE B 41 -9.45 -12.93 7.35
CA PHE B 41 -9.51 -12.13 6.11
C PHE B 41 -8.16 -12.07 5.50
N TYR B 42 -8.02 -11.43 4.33
CA TYR B 42 -6.73 -11.22 3.70
C TYR B 42 -6.83 -10.07 2.68
N CYS B 43 -5.69 -9.45 2.33
CA CYS B 43 -5.70 -8.38 1.36
C CYS B 43 -5.15 -8.88 0.06
N HIS B 44 -5.81 -8.47 -1.03
CA HIS B 44 -5.39 -8.81 -2.38
C HIS B 44 -5.89 -7.76 -3.39
N GLY B 45 -5.13 -7.63 -4.48
CA GLY B 45 -5.48 -6.73 -5.56
C GLY B 45 -4.41 -5.73 -5.93
N GLU B 46 -4.58 -5.16 -7.14
CA GLU B 46 -3.73 -4.17 -7.76
C GLU B 46 -3.77 -2.88 -6.99
N CYS B 47 -2.63 -2.19 -6.99
CA CYS B 47 -2.44 -0.90 -6.36
C CYS B 47 -2.22 0.15 -7.45
N PRO B 48 -3.09 0.39 -8.44
CA PRO B 48 -2.68 1.33 -9.50
C PRO B 48 -3.09 2.75 -9.13
N PHE B 49 -2.63 3.73 -9.96
CA PHE B 49 -2.93 5.15 -9.77
C PHE B 49 -4.48 5.40 -9.76
N PRO B 50 -5.09 6.10 -8.75
CA PRO B 50 -4.53 6.75 -7.53
C PRO B 50 -4.57 5.88 -6.26
N LEU B 51 -3.84 6.31 -5.19
CA LEU B 51 -3.69 5.49 -3.97
C LEU B 51 -3.90 6.17 -2.57
N ALA B 52 -3.55 7.48 -2.39
CA ALA B 52 -3.62 8.21 -1.09
C ALA B 52 -5.03 8.24 -0.46
N ASP B 53 -5.14 7.94 0.88
CA ASP B 53 -6.35 7.91 1.73
C ASP B 53 -7.45 6.90 1.23
N HIS B 54 -8.01 7.10 -0.01
CA HIS B 54 -9.04 6.25 -0.65
C HIS B 54 -8.59 4.79 -0.65
N LEU B 55 -7.44 4.50 -1.31
CA LEU B 55 -6.83 3.17 -1.31
C LEU B 55 -5.91 3.06 -0.08
N ASN B 56 -5.50 4.24 0.49
CA ASN B 56 -4.66 4.45 1.69
C ASN B 56 -3.26 3.89 1.50
N SER B 57 -2.31 4.76 1.19
CA SER B 57 -0.94 4.34 0.95
C SER B 57 0.05 5.30 1.59
N THR B 58 1.34 4.88 1.70
CA THR B 58 2.43 5.70 2.24
C THR B 58 3.00 6.53 1.12
N ASN B 59 3.75 7.59 1.45
CA ASN B 59 4.40 8.38 0.41
C ASN B 59 5.29 7.48 -0.47
N HIS B 60 6.01 6.52 0.15
CA HIS B 60 6.84 5.56 -0.55
C HIS B 60 6.00 4.77 -1.58
N ALA B 61 4.89 4.16 -1.16
CA ALA B 61 3.96 3.43 -2.03
C ALA B 61 3.53 4.29 -3.26
N ILE B 62 3.39 5.63 -3.07
CA ILE B 62 3.06 6.56 -4.15
C ILE B 62 4.27 6.66 -5.09
N VAL B 63 5.46 6.93 -4.51
CA VAL B 63 6.71 7.08 -5.25
C VAL B 63 7.02 5.79 -6.03
N GLN B 64 6.97 4.60 -5.37
CA GLN B 64 7.23 3.27 -5.97
C GLN B 64 6.31 3.02 -7.14
N THR B 65 4.99 3.31 -6.97
CA THR B 65 3.97 3.15 -8.01
C THR B 65 4.29 4.12 -9.16
N LEU B 66 4.61 5.37 -8.86
CA LEU B 66 4.94 6.34 -9.89
C LEU B 66 6.18 5.84 -10.68
N VAL B 67 7.25 5.45 -9.96
CA VAL B 67 8.49 4.92 -10.54
C VAL B 67 8.17 3.73 -11.42
N ASN B 68 7.26 2.83 -10.96
CA ASN B 68 6.86 1.66 -11.70
C ASN B 68 6.28 2.03 -13.07
N SER B 69 5.48 3.12 -13.16
CA SER B 69 4.86 3.59 -14.40
C SER B 69 5.88 4.08 -15.47
N VAL B 70 7.14 4.27 -15.06
CA VAL B 70 8.25 4.76 -15.87
C VAL B 70 9.20 3.60 -16.11
N ASN B 71 9.43 2.76 -15.08
CA ASN B 71 10.32 1.58 -15.15
C ASN B 71 9.57 0.38 -14.59
N SER B 72 9.08 -0.47 -15.50
CA SER B 72 8.28 -1.67 -15.24
C SER B 72 8.96 -2.69 -14.29
N LYS B 73 10.31 -2.67 -14.24
CA LYS B 73 11.14 -3.59 -13.45
C LYS B 73 11.02 -3.33 -11.94
N ILE B 74 10.60 -2.11 -11.55
CA ILE B 74 10.32 -1.76 -10.16
C ILE B 74 8.85 -2.14 -9.89
N PRO B 75 8.60 -3.10 -8.97
CA PRO B 75 7.21 -3.53 -8.72
C PRO B 75 6.31 -2.44 -8.16
N LYS B 76 4.97 -2.55 -8.39
CA LYS B 76 3.96 -1.65 -7.84
C LYS B 76 3.90 -1.78 -6.28
N ALA B 77 3.20 -0.87 -5.57
CA ALA B 77 3.09 -0.99 -4.11
C ALA B 77 2.29 -2.23 -3.81
N CYS B 78 2.49 -2.90 -2.67
CA CYS B 78 1.77 -4.15 -2.41
C CYS B 78 0.50 -3.95 -1.55
N CYS B 79 -0.60 -4.63 -1.91
CA CYS B 79 -1.87 -4.56 -1.17
C CYS B 79 -1.79 -5.37 0.13
N VAL B 80 -1.71 -4.69 1.27
CA VAL B 80 -1.53 -5.36 2.57
C VAL B 80 -2.42 -4.77 3.66
N PRO B 81 -2.76 -5.56 4.72
CA PRO B 81 -3.56 -5.00 5.81
C PRO B 81 -2.90 -3.78 6.45
N THR B 82 -3.70 -2.74 6.65
CA THR B 82 -3.26 -1.47 7.21
C THR B 82 -4.01 -1.19 8.52
N GLU B 83 -4.94 -2.07 8.88
CA GLU B 83 -5.78 -2.00 10.07
C GLU B 83 -6.06 -3.41 10.54
N LEU B 84 -5.66 -3.73 11.76
CA LEU B 84 -5.89 -5.09 12.24
C LEU B 84 -6.51 -5.10 13.61
N SER B 85 -7.32 -6.13 13.89
CA SER B 85 -7.92 -6.28 15.20
C SER B 85 -7.40 -7.54 15.85
N ALA B 86 -7.56 -7.62 17.17
CA ALA B 86 -7.12 -8.71 18.03
C ALA B 86 -8.22 -9.76 18.28
N ILE B 87 -7.84 -10.98 18.74
CA ILE B 87 -8.80 -12.05 19.10
C ILE B 87 -8.37 -12.74 20.39
N SER B 88 -9.35 -13.23 21.17
CA SER B 88 -9.11 -14.00 22.40
C SER B 88 -8.98 -15.45 22.05
N MET B 89 -7.98 -16.16 22.63
CA MET B 89 -7.80 -17.59 22.36
C MET B 89 -7.57 -18.37 23.65
N LEU B 90 -7.99 -19.63 23.67
CA LEU B 90 -7.84 -20.46 24.84
C LEU B 90 -6.84 -21.55 24.57
N TYR B 91 -5.88 -21.70 25.49
CA TYR B 91 -4.83 -22.73 25.42
C TYR B 91 -4.67 -23.33 26.81
N LEU B 92 -3.83 -24.39 26.92
CA LEU B 92 -3.52 -25.05 28.18
C LEU B 92 -2.06 -24.81 28.55
N ASP B 93 -1.80 -24.47 29.84
CA ASP B 93 -0.43 -24.30 30.36
C ASP B 93 0.07 -25.69 30.82
N GLU B 94 1.22 -25.77 31.52
CA GLU B 94 1.74 -27.09 31.97
C GLU B 94 0.81 -27.75 33.01
N ASN B 95 0.09 -26.91 33.80
CA ASN B 95 -0.92 -27.30 34.80
C ASN B 95 -2.14 -27.94 34.10
N GLU B 96 -2.22 -27.78 32.74
CA GLU B 96 -3.26 -28.23 31.82
C GLU B 96 -4.60 -27.50 32.13
N LYS B 97 -4.48 -26.25 32.64
CA LYS B 97 -5.56 -25.32 32.98
C LYS B 97 -5.76 -24.33 31.81
N VAL B 98 -7.04 -24.00 31.54
CA VAL B 98 -7.50 -23.09 30.50
C VAL B 98 -6.95 -21.64 30.76
N VAL B 99 -6.08 -21.15 29.86
CA VAL B 99 -5.51 -19.80 29.91
C VAL B 99 -6.08 -18.99 28.75
N LEU B 100 -6.53 -17.75 29.03
CA LEU B 100 -7.06 -16.86 27.99
C LEU B 100 -6.02 -15.85 27.59
N LYS B 101 -5.70 -15.76 26.29
CA LYS B 101 -4.73 -14.79 25.78
C LYS B 101 -5.31 -14.03 24.59
N ASN B 102 -5.11 -12.71 24.58
CA ASN B 102 -5.52 -11.89 23.47
C ASN B 102 -4.36 -11.84 22.51
N TYR B 103 -4.61 -12.21 21.26
CA TYR B 103 -3.57 -12.18 20.23
C TYR B 103 -3.85 -11.00 19.34
N GLN B 104 -2.88 -10.09 19.21
CA GLN B 104 -3.05 -8.85 18.41
C GLN B 104 -2.83 -9.14 16.94
N ASP B 105 -3.14 -8.14 16.08
CA ASP B 105 -2.97 -8.21 14.61
C ASP B 105 -3.42 -9.57 14.03
N MET B 106 -4.62 -10.03 14.42
CA MET B 106 -5.14 -11.33 13.98
C MET B 106 -6.12 -11.17 12.84
N VAL B 107 -6.86 -10.05 12.83
CA VAL B 107 -7.92 -9.84 11.85
C VAL B 107 -7.68 -8.60 11.01
N VAL B 108 -7.79 -8.74 9.70
CA VAL B 108 -7.69 -7.60 8.79
C VAL B 108 -9.02 -6.87 8.89
N GLU B 109 -8.92 -5.58 9.29
CA GLU B 109 -10.04 -4.63 9.36
C GLU B 109 -10.04 -3.79 8.09
N GLY B 110 -8.86 -3.62 7.51
CA GLY B 110 -8.69 -2.84 6.29
C GLY B 110 -7.39 -3.04 5.58
N CYS B 111 -7.41 -2.80 4.26
CA CYS B 111 -6.26 -2.96 3.39
C CYS B 111 -5.77 -1.62 2.87
N GLY B 112 -4.64 -1.66 2.20
CA GLY B 112 -4.03 -0.52 1.58
C GLY B 112 -2.77 -0.90 0.85
N CYS B 113 -2.14 0.07 0.22
CA CYS B 113 -0.94 -0.18 -0.54
C CYS B 113 0.28 0.29 0.24
N ARG B 114 1.37 -0.52 0.22
CA ARG B 114 2.61 -0.21 0.95
C ARG B 114 3.87 -0.44 0.12
N PRO C 5 -5.86 21.39 4.01
CA PRO C 5 -6.28 22.51 3.16
C PRO C 5 -6.14 22.22 1.65
N CYS C 6 -5.57 21.06 1.32
CA CYS C 6 -5.38 20.56 -0.03
C CYS C 6 -6.53 19.57 -0.32
N LYS C 7 -7.38 19.89 -1.33
CA LYS C 7 -8.61 19.16 -1.65
C LYS C 7 -8.49 17.97 -2.66
N ILE C 8 -7.28 17.36 -2.85
CA ILE C 8 -7.14 16.21 -3.78
C ILE C 8 -7.79 14.96 -3.21
N LEU C 9 -7.85 14.84 -1.86
CA LEU C 9 -8.45 13.72 -1.13
C LEU C 9 -9.91 13.58 -1.56
N LYS C 10 -10.60 14.75 -1.67
CA LYS C 10 -11.97 14.92 -2.14
C LYS C 10 -12.06 14.51 -3.62
N CYS C 11 -11.26 15.17 -4.46
CA CYS C 11 -11.17 15.00 -5.91
C CYS C 11 -10.84 13.56 -6.33
N ASN C 12 -9.85 12.91 -5.66
CA ASN C 12 -9.42 11.54 -5.98
C ASN C 12 -10.51 10.53 -5.65
N SER C 13 -11.21 10.69 -4.49
CA SER C 13 -12.29 9.79 -4.07
C SER C 13 -13.55 9.95 -4.96
N GLU C 14 -13.79 11.18 -5.50
CA GLU C 14 -14.93 11.48 -6.38
C GLU C 14 -14.78 10.84 -7.76
N PHE C 15 -13.54 10.74 -8.27
CA PHE C 15 -13.23 10.10 -9.55
C PHE C 15 -13.15 8.57 -9.40
N TRP C 16 -12.75 8.09 -8.19
CA TRP C 16 -12.65 6.66 -7.85
C TRP C 16 -14.07 6.03 -7.67
N SER C 17 -15.10 6.76 -8.15
CA SER C 17 -16.52 6.41 -8.19
C SER C 17 -16.89 6.22 -9.67
N ALA C 18 -16.66 7.27 -10.50
CA ALA C 18 -16.94 7.31 -11.94
C ALA C 18 -16.06 6.32 -12.71
N THR C 19 -14.75 6.32 -12.43
CA THR C 19 -13.78 5.43 -13.08
C THR C 19 -12.85 4.83 -11.99
N SER C 20 -13.06 3.54 -11.56
CA SER C 20 -14.08 2.60 -12.04
C SER C 20 -15.01 2.13 -10.89
N GLY C 21 -16.33 2.18 -11.06
CA GLY C 21 -17.06 2.60 -12.25
C GLY C 21 -18.58 2.38 -12.19
N SER C 22 -19.25 2.12 -13.34
CA SER C 22 -18.68 2.02 -14.70
C SER C 22 -18.97 3.27 -15.55
N ASP C 29 -14.00 1.60 -22.30
CA ASP C 29 -13.02 2.66 -22.52
C ASP C 29 -12.90 2.98 -24.06
N THR C 30 -13.38 4.15 -24.54
CA THR C 30 -14.03 5.26 -23.79
C THR C 30 -15.49 4.86 -23.50
N PRO C 31 -15.80 4.47 -22.23
CA PRO C 31 -17.12 4.01 -21.81
C PRO C 31 -17.79 4.93 -20.74
N GLU C 32 -18.43 6.06 -21.15
CA GLU C 32 -18.55 6.58 -22.51
C GLU C 32 -17.43 7.61 -22.80
N PHE C 33 -16.92 8.24 -21.73
CA PHE C 33 -15.87 9.26 -21.72
C PHE C 33 -14.86 8.93 -20.55
N CYS C 34 -13.79 9.72 -20.18
CA CYS C 34 -13.16 11.01 -20.57
C CYS C 34 -13.83 12.23 -19.90
N ALA C 35 -15.15 12.19 -19.60
CA ALA C 35 -15.89 13.26 -18.89
C ALA C 35 -15.62 13.21 -17.39
N ALA C 36 -15.11 12.03 -16.94
CA ALA C 36 -14.68 11.74 -15.57
C ALA C 36 -13.26 12.27 -15.37
N LEU C 37 -12.42 12.20 -16.45
CA LEU C 37 -11.03 12.66 -16.55
C LEU C 37 -10.97 14.17 -16.76
N ARG C 38 -11.96 14.73 -17.49
CA ARG C 38 -12.12 16.15 -17.77
C ARG C 38 -12.46 16.91 -16.49
N SER C 39 -13.37 16.33 -15.66
CA SER C 39 -13.89 16.86 -14.38
C SER C 39 -12.90 16.73 -13.22
N TYR C 40 -12.14 15.62 -13.16
CA TYR C 40 -11.11 15.36 -12.13
C TYR C 40 -9.94 16.33 -12.35
N ALA C 41 -9.52 16.53 -13.63
CA ALA C 41 -8.46 17.46 -14.05
C ALA C 41 -8.81 18.88 -13.62
N LEU C 42 -10.11 19.22 -13.65
CA LEU C 42 -10.62 20.52 -13.23
C LEU C 42 -10.55 20.64 -11.71
N CYS C 43 -10.86 19.53 -11.00
CA CYS C 43 -10.85 19.48 -9.52
C CYS C 43 -9.45 19.78 -9.02
N THR C 44 -8.44 19.17 -9.67
CA THR C 44 -7.02 19.39 -9.37
C THR C 44 -6.71 20.85 -9.72
N ARG C 45 -6.99 21.27 -10.99
CA ARG C 45 -6.77 22.63 -11.53
C ARG C 45 -7.28 23.76 -10.60
N ARG C 46 -8.32 23.46 -9.76
CA ARG C 46 -8.93 24.39 -8.82
C ARG C 46 -8.16 24.40 -7.50
N THR C 47 -7.88 23.21 -6.91
CA THR C 47 -7.16 23.08 -5.64
C THR C 47 -5.63 23.25 -5.84
N ALA C 48 -5.21 23.54 -7.09
CA ALA C 48 -3.84 23.80 -7.54
C ALA C 48 -3.09 24.70 -6.55
N ARG C 49 -3.68 25.87 -6.19
CA ARG C 49 -3.08 26.83 -5.26
C ARG C 49 -2.96 26.30 -3.83
N THR C 50 -3.87 25.42 -3.39
CA THR C 50 -3.81 24.88 -2.04
C THR C 50 -3.00 23.55 -1.98
N CYS C 51 -2.30 23.17 -3.08
CA CYS C 51 -1.59 21.90 -3.15
C CYS C 51 -0.18 21.99 -3.74
N ARG C 52 0.48 23.17 -3.67
CA ARG C 52 1.83 23.39 -4.24
C ARG C 52 2.90 22.37 -3.73
N GLY C 53 2.83 22.03 -2.44
CA GLY C 53 3.72 21.08 -1.79
C GLY C 53 3.09 19.76 -1.38
N ASP C 54 2.08 19.27 -2.15
CA ASP C 54 1.42 18.00 -1.87
C ASP C 54 1.85 16.96 -2.88
N LEU C 55 2.33 15.83 -2.36
CA LEU C 55 2.83 14.70 -3.12
C LEU C 55 1.75 13.99 -3.95
N ALA C 56 0.58 13.70 -3.34
CA ALA C 56 -0.50 13.02 -4.06
C ALA C 56 -1.06 13.94 -5.12
N TYR C 57 -1.17 15.26 -4.83
CA TYR C 57 -1.64 16.25 -5.78
C TYR C 57 -0.86 16.19 -7.07
N HIS C 58 0.47 16.13 -6.94
CA HIS C 58 1.39 16.09 -8.06
C HIS C 58 1.36 14.72 -8.73
N SER C 59 1.12 13.64 -7.93
CA SER C 59 0.96 12.30 -8.46
C SER C 59 -0.35 12.25 -9.26
N ALA C 60 -1.42 12.87 -8.72
CA ALA C 60 -2.71 12.99 -9.38
C ALA C 60 -2.55 13.67 -10.74
N VAL C 61 -2.12 14.95 -10.74
CA VAL C 61 -1.86 15.77 -11.93
C VAL C 61 -0.96 15.01 -12.94
N HIS C 62 0.03 14.24 -12.45
CA HIS C 62 0.93 13.47 -13.32
C HIS C 62 0.27 12.21 -13.85
N GLY C 63 -0.66 11.66 -13.07
CA GLY C 63 -1.39 10.46 -13.45
C GLY C 63 -2.47 10.71 -14.48
N ILE C 64 -3.28 11.78 -14.28
CA ILE C 64 -4.38 12.19 -15.16
C ILE C 64 -3.86 12.26 -16.59
N GLU C 65 -2.75 13.01 -16.77
CA GLU C 65 -2.00 13.21 -18.02
C GLU C 65 -1.77 11.88 -18.75
N ASP C 66 -1.36 10.81 -18.02
CA ASP C 66 -1.08 9.48 -18.58
C ASP C 66 -2.34 8.76 -19.08
N LEU C 67 -3.49 8.98 -18.45
CA LEU C 67 -4.74 8.33 -18.88
C LEU C 67 -5.37 9.10 -20.04
N MET C 68 -5.01 10.39 -20.19
CA MET C 68 -5.51 11.30 -21.24
C MET C 68 -4.98 10.91 -22.60
N SER C 69 -3.68 10.61 -22.69
CA SER C 69 -2.96 10.25 -23.92
C SER C 69 -3.25 8.80 -24.38
N GLN C 70 -3.44 7.87 -23.41
CA GLN C 70 -3.72 6.44 -23.66
C GLN C 70 -5.14 6.26 -24.24
N HIS C 71 -6.17 6.91 -23.62
CA HIS C 71 -7.58 6.84 -24.02
C HIS C 71 -7.90 7.76 -25.23
N ASN C 72 -6.92 8.60 -25.64
CA ASN C 72 -6.92 9.56 -26.76
C ASN C 72 -8.09 10.57 -26.71
N CYS C 73 -8.53 10.97 -25.48
CA CYS C 73 -9.56 12.00 -25.33
C CYS C 73 -8.92 13.35 -25.63
N SER C 74 -9.53 14.11 -26.57
CA SER C 74 -9.07 15.43 -27.05
C SER C 74 -7.65 15.37 -27.60
#